data_5U09
#
_entry.id   5U09
#
_cell.length_a   50.652
_cell.length_b   80.381
_cell.length_c   81.178
_cell.angle_alpha   90.000
_cell.angle_beta   91.720
_cell.angle_gamma   90.000
#
_symmetry.space_group_name_H-M   'P 1 21 1'
#
loop_
_entity.id
_entity.type
_entity.pdbx_description
1 polymer 'Cannabinoid receptor 1,GlgA glycogen synthase'
2 non-polymer DI(HYDROXYETHYL)ETHER
3 non-polymer 'SULFATE ION'
4 non-polymer N-[(2S,3S)-4-(4-chlorophenyl)-3-(3-cyanophenyl)butan-2-yl]-2-methyl-2-{[5-(trifluoromethyl)pyridin-2-yl]oxy}propanamide
5 water water
#
_entity_poly.entity_id   1
_entity_poly.type   'polypeptide(L)'
_entity_poly.pdbx_seq_one_letter_code
;GKENEENIQCGENFMDIECFMVLNPSQQLAIAVLSLTLGTFTVLENLLVLCVILHSRSLRCRPSYHFIGSLAVADLLGSV
IFVYSFIDFHVFHRKDSRNVFLFKLGGVTASFTASVGSLFLAAIDRYISIHRPLAYKRIVTRPKAVVAFCLMWTIAIVIA
VLPLLGWNCEKLQSVCSDIFPHIDETYLMFWIGVTSVLLLFIVYAYMYILWKAGIDCSFWNESYLTGSRDERKKSLLSKF
GMDEGVTFMFIGRFDRGQKGVDVLLKAIEILSSKKEFQEMRFIIIGKGDPELEGWARSLEEKHGNVKVITEMLSREFVRE
LYGSVDFVIIPSYFEPFGLVALEAMCLGAIPIASAVGGLRDIITNETGILVKAGDPGELANAILKALELSRSDLSKFREN
CKKRAMSFSDQARMDIRLAKTLVLILVVLIICWGPLLAIMVYDVFGKMNKLIKTVFAFCSMLCLLNSTVNPIIYALRSKD
LRHAFRSMFPSCEGTAQPHHHHHHHHHH
;
_entity_poly.pdbx_strand_id   A
#
loop_
_chem_comp.id
_chem_comp.type
_chem_comp.name
_chem_comp.formula
7DY non-polymer N-[(2S,3S)-4-(4-chlorophenyl)-3-(3-cyanophenyl)butan-2-yl]-2-methyl-2-{[5-(trifluoromethyl)pyridin-2-yl]oxy}propanamide 'C27 H25 Cl F3 N3 O2'
PEG non-polymer DI(HYDROXYETHYL)ETHER 'C4 H10 O3'
SO4 non-polymer 'SULFATE ION' 'O4 S -2'
#
# COMPACT_ATOMS: atom_id res chain seq x y z
N GLU A 12 3.96 29.39 -31.27
CA GLU A 12 3.67 28.00 -30.94
C GLU A 12 4.92 27.33 -30.46
N ASN A 13 5.61 27.98 -29.55
CA ASN A 13 6.89 27.45 -29.10
C ASN A 13 6.69 26.88 -27.70
N PHE A 14 7.37 25.78 -27.42
CA PHE A 14 7.26 25.11 -26.12
C PHE A 14 7.91 25.97 -25.04
N MET A 15 7.33 25.96 -23.87
CA MET A 15 7.83 26.71 -22.74
C MET A 15 8.02 28.21 -22.94
N ASP A 16 7.11 28.81 -23.67
CA ASP A 16 7.03 30.24 -23.79
C ASP A 16 6.16 30.72 -22.68
N ILE A 17 6.78 31.29 -21.67
CA ILE A 17 6.07 31.83 -20.57
C ILE A 17 5.29 33.03 -21.03
N GLU A 18 5.56 33.46 -22.24
CA GLU A 18 5.10 34.75 -22.70
C GLU A 18 3.69 34.76 -23.21
N CYS A 19 3.19 33.62 -23.62
CA CYS A 19 1.81 33.49 -24.00
C CYS A 19 1.04 33.38 -22.72
N PHE A 20 1.77 33.25 -21.64
CA PHE A 20 1.15 33.08 -20.36
C PHE A 20 1.28 34.30 -19.50
N MET A 21 2.28 35.12 -19.77
CA MET A 21 2.39 36.41 -19.10
C MET A 21 3.48 37.22 -19.68
N VAL A 22 3.32 38.52 -19.64
CA VAL A 22 4.36 39.44 -20.05
C VAL A 22 5.34 39.71 -18.94
N LEU A 23 6.60 39.73 -19.28
CA LEU A 23 7.66 39.87 -18.26
C LEU A 23 8.42 41.17 -18.43
N ASN A 24 8.90 41.70 -17.29
CA ASN A 24 10.07 42.59 -17.25
C ASN A 24 11.28 41.97 -17.85
N PRO A 25 12.27 42.81 -18.12
CA PRO A 25 13.62 42.28 -18.27
C PRO A 25 14.24 41.75 -16.95
N SER A 26 13.93 42.39 -15.83
CA SER A 26 14.31 41.91 -14.49
C SER A 26 13.78 40.50 -14.26
N GLN A 27 12.48 40.34 -14.45
CA GLN A 27 11.78 39.11 -14.12
C GLN A 27 12.25 37.97 -14.98
N GLN A 28 12.43 38.26 -16.27
CA GLN A 28 13.08 37.31 -17.17
C GLN A 28 14.46 36.92 -16.64
N LEU A 29 15.26 37.91 -16.25
CA LEU A 29 16.59 37.66 -15.74
C LEU A 29 16.49 36.77 -14.53
N ALA A 30 15.75 37.22 -13.53
CA ALA A 30 15.53 36.41 -12.35
C ALA A 30 15.10 35.00 -12.74
N ILE A 31 14.03 34.90 -13.53
CA ILE A 31 13.46 33.59 -13.87
C ILE A 31 14.48 32.77 -14.61
N ALA A 32 15.13 33.36 -15.60
CA ALA A 32 16.13 32.61 -16.38
C ALA A 32 17.21 32.02 -15.46
N VAL A 33 17.52 32.72 -14.38
CA VAL A 33 18.57 32.26 -13.51
C VAL A 33 18.05 31.19 -12.57
N LEU A 34 16.88 31.40 -11.96
CA LEU A 34 16.26 30.35 -11.13
C LEU A 34 16.02 29.07 -11.97
N SER A 35 15.69 29.25 -13.26
CA SER A 35 15.38 28.13 -14.17
C SER A 35 16.55 27.20 -14.49
N LEU A 36 17.70 27.78 -14.85
CA LEU A 36 18.85 26.98 -15.30
C LEU A 36 19.51 26.38 -14.08
N THR A 37 19.62 27.19 -13.03
CA THR A 37 20.33 26.78 -11.86
C THR A 37 19.55 25.65 -11.20
N LEU A 38 18.23 25.80 -11.17
CA LEU A 38 17.35 24.78 -10.62
C LEU A 38 17.24 23.56 -11.52
N GLY A 39 16.99 23.84 -12.79
CA GLY A 39 16.90 22.84 -13.84
C GLY A 39 18.12 21.97 -13.92
N THR A 40 19.30 22.57 -14.00
CA THR A 40 20.52 21.80 -14.02
C THR A 40 20.69 21.08 -12.69
N PHE A 41 20.38 21.74 -11.58
CA PHE A 41 20.46 21.10 -10.30
C PHE A 41 19.63 19.84 -10.28
N THR A 42 18.42 19.95 -10.81
CA THR A 42 17.46 18.88 -10.64
C THR A 42 17.84 17.76 -11.57
N VAL A 43 18.40 18.10 -12.73
CA VAL A 43 19.02 17.11 -13.62
C VAL A 43 20.15 16.38 -12.91
N LEU A 44 21.02 17.12 -12.23
CA LEU A 44 22.19 16.51 -11.61
C LEU A 44 21.81 15.53 -10.53
N GLU A 45 20.93 15.94 -9.61
CA GLU A 45 20.69 15.08 -8.45
C GLU A 45 19.93 13.86 -8.88
N ASN A 46 19.21 13.94 -9.99
CA ASN A 46 18.46 12.78 -10.45
C ASN A 46 19.34 11.87 -11.26
N LEU A 47 20.34 12.44 -11.92
CA LEU A 47 21.43 11.62 -12.45
C LEU A 47 22.10 10.87 -11.31
N LEU A 48 22.61 11.65 -10.36
CA LEU A 48 23.26 11.13 -9.18
C LEU A 48 22.44 10.00 -8.49
N VAL A 49 21.13 10.15 -8.45
CA VAL A 49 20.28 9.14 -7.82
C VAL A 49 20.45 7.88 -8.65
N LEU A 50 20.45 8.04 -9.96
CA LEU A 50 20.59 6.90 -10.86
C LEU A 50 21.96 6.27 -10.72
N CYS A 51 23.01 7.08 -10.83
CA CYS A 51 24.38 6.55 -10.71
C CYS A 51 24.57 5.82 -9.42
N VAL A 52 23.80 6.19 -8.40
CA VAL A 52 23.85 5.48 -7.14
C VAL A 52 23.17 4.11 -7.20
N ILE A 53 21.88 4.06 -7.49
CA ILE A 53 21.20 2.76 -7.52
C ILE A 53 21.76 1.77 -8.55
N LEU A 54 22.30 2.27 -9.65
CA LEU A 54 22.92 1.39 -10.65
C LEU A 54 24.30 0.82 -10.27
N HIS A 55 25.04 1.50 -9.39
CA HIS A 55 26.27 0.92 -8.86
C HIS A 55 26.00 0.00 -7.70
N SER A 56 24.83 0.14 -7.10
CA SER A 56 24.44 -0.71 -5.98
C SER A 56 23.76 -1.99 -6.44
N ARG A 57 24.40 -3.13 -6.17
CA ARG A 57 23.83 -4.45 -6.46
C ARG A 57 22.53 -4.60 -5.71
N SER A 58 22.60 -4.30 -4.42
CA SER A 58 21.47 -4.36 -3.52
C SER A 58 20.24 -3.63 -4.09
N LEU A 59 20.40 -2.34 -4.36
CA LEU A 59 19.29 -1.43 -4.68
C LEU A 59 18.62 -1.73 -6.02
N ARG A 60 19.45 -1.86 -7.06
CA ARG A 60 18.93 -1.81 -8.42
C ARG A 60 17.93 -2.94 -8.68
N CYS A 61 18.27 -4.15 -8.28
CA CYS A 61 17.46 -5.29 -8.61
C CYS A 61 16.67 -5.81 -7.39
N ARG A 62 16.60 -5.02 -6.33
CA ARG A 62 15.53 -5.25 -5.35
C ARG A 62 14.24 -4.64 -5.84
N PRO A 63 13.16 -5.43 -5.78
CA PRO A 63 11.90 -4.99 -6.34
C PRO A 63 11.30 -3.81 -5.59
N SER A 64 11.50 -3.76 -4.29
CA SER A 64 10.84 -2.76 -3.49
C SER A 64 11.40 -1.38 -3.80
N TYR A 65 12.62 -1.33 -4.34
CA TYR A 65 13.29 -0.05 -4.59
C TYR A 65 13.30 0.28 -6.08
N HIS A 66 12.59 -0.52 -6.86
CA HIS A 66 12.54 -0.37 -8.31
C HIS A 66 11.87 0.93 -8.76
N PHE A 67 11.00 1.48 -7.93
CA PHE A 67 10.28 2.71 -8.26
C PHE A 67 11.18 3.93 -8.20
N ILE A 68 12.16 3.90 -7.31
CA ILE A 68 13.19 4.95 -7.25
C ILE A 68 13.95 5.10 -8.57
N GLY A 69 14.50 4.01 -9.09
CA GLY A 69 15.12 4.02 -10.40
C GLY A 69 14.16 4.54 -11.44
N SER A 70 12.87 4.26 -11.27
CA SER A 70 11.84 4.60 -12.26
C SER A 70 11.45 6.05 -12.12
N LEU A 71 11.38 6.55 -10.89
CA LEU A 71 11.06 7.95 -10.67
C LEU A 71 12.22 8.81 -11.16
N ALA A 72 13.45 8.34 -11.00
CA ALA A 72 14.60 9.15 -11.29
C ALA A 72 14.80 9.32 -12.78
N VAL A 73 14.41 8.33 -13.60
CA VAL A 73 14.40 8.54 -15.04
C VAL A 73 13.17 9.35 -15.37
N ALA A 74 12.13 9.24 -14.57
CA ALA A 74 10.97 10.07 -14.81
C ALA A 74 11.30 11.55 -14.56
N ASP A 75 12.10 11.84 -13.53
CA ASP A 75 12.38 13.22 -13.14
C ASP A 75 13.46 13.79 -14.05
N LEU A 76 14.39 12.94 -14.45
CA LEU A 76 15.38 13.27 -15.46
C LEU A 76 14.71 13.63 -16.79
N LEU A 77 13.72 12.84 -17.20
CA LEU A 77 13.08 13.02 -18.51
C LEU A 77 12.53 14.43 -18.64
N GLY A 78 11.76 14.85 -17.63
CA GLY A 78 11.15 16.17 -17.62
C GLY A 78 12.16 17.29 -17.38
N SER A 79 13.02 17.11 -16.38
CA SER A 79 14.02 18.13 -16.05
C SER A 79 14.98 18.35 -17.21
N VAL A 80 15.47 17.27 -17.81
CA VAL A 80 16.37 17.37 -18.96
C VAL A 80 15.62 18.06 -20.09
N ILE A 81 14.33 17.79 -20.20
CA ILE A 81 13.56 18.46 -21.26
C ILE A 81 13.28 19.91 -20.88
N PHE A 82 13.09 20.18 -19.61
CA PHE A 82 12.97 21.54 -19.20
C PHE A 82 14.18 22.28 -19.70
N VAL A 83 15.36 21.77 -19.38
CA VAL A 83 16.60 22.54 -19.54
C VAL A 83 17.02 22.60 -21.01
N TYR A 84 16.81 21.51 -21.74
CA TYR A 84 17.04 21.53 -23.16
C TYR A 84 16.14 22.60 -23.77
N SER A 85 14.82 22.43 -23.63
CA SER A 85 13.84 23.38 -24.19
C SER A 85 14.16 24.83 -23.87
N PHE A 86 14.73 25.06 -22.69
CA PHE A 86 15.00 26.43 -22.26
C PHE A 86 16.17 27.02 -23.03
N ILE A 87 17.30 26.32 -22.99
CA ILE A 87 18.46 26.58 -23.85
C ILE A 87 18.07 26.74 -25.32
N ASP A 88 17.41 25.71 -25.86
CA ASP A 88 17.00 25.65 -27.25
C ASP A 88 16.19 26.85 -27.69
N PHE A 89 15.47 27.47 -26.75
CA PHE A 89 14.62 28.63 -27.03
C PHE A 89 15.32 29.97 -26.71
N HIS A 90 15.75 30.13 -25.46
CA HIS A 90 16.25 31.40 -24.97
C HIS A 90 17.69 31.74 -25.31
N VAL A 91 18.50 30.73 -25.65
CA VAL A 91 19.90 31.02 -25.97
C VAL A 91 20.20 30.95 -27.47
N PHE A 92 20.13 29.76 -28.07
CA PHE A 92 19.83 29.68 -29.50
C PHE A 92 18.34 29.91 -29.56
N HIS A 93 17.89 30.65 -30.56
CA HIS A 93 16.48 30.99 -30.64
C HIS A 93 15.76 30.13 -31.68
N ARG A 94 16.17 28.86 -31.79
CA ARG A 94 15.45 27.88 -32.60
C ARG A 94 13.97 27.75 -32.16
N LYS A 95 13.07 27.62 -33.15
CA LYS A 95 11.63 27.52 -32.89
C LYS A 95 11.10 26.19 -33.37
N ASP A 96 10.08 25.72 -32.66
CA ASP A 96 9.77 24.30 -32.58
C ASP A 96 8.71 24.05 -33.65
N SER A 97 8.94 23.06 -34.50
CA SER A 97 7.90 22.54 -35.40
C SER A 97 6.81 21.82 -34.58
N ARG A 98 5.70 21.48 -35.23
CA ARG A 98 4.68 20.62 -34.63
C ARG A 98 5.34 19.47 -33.90
N ASN A 99 6.15 18.70 -34.62
CA ASN A 99 6.50 17.36 -34.17
C ASN A 99 7.55 17.44 -33.09
N VAL A 100 8.48 18.38 -33.21
CA VAL A 100 9.41 18.62 -32.12
C VAL A 100 8.68 19.11 -30.86
N PHE A 101 7.76 20.06 -31.01
CA PHE A 101 6.98 20.52 -29.86
C PHE A 101 6.27 19.36 -29.18
N LEU A 102 5.74 18.46 -30.01
CA LEU A 102 4.88 17.36 -29.56
C LEU A 102 5.73 16.30 -28.88
N PHE A 103 6.97 16.15 -29.36
CA PHE A 103 7.91 15.22 -28.78
C PHE A 103 8.31 15.78 -27.41
N LYS A 104 8.42 17.10 -27.32
CA LYS A 104 8.84 17.74 -26.06
C LYS A 104 7.75 17.56 -25.01
N LEU A 105 6.52 17.91 -25.37
CA LEU A 105 5.34 17.67 -24.52
C LEU A 105 5.11 16.18 -24.23
N GLY A 106 5.29 15.34 -25.23
CA GLY A 106 5.24 13.91 -25.03
C GLY A 106 6.22 13.47 -23.95
N GLY A 107 7.37 14.11 -23.89
CA GLY A 107 8.33 13.84 -22.85
C GLY A 107 7.81 14.08 -21.45
N VAL A 108 7.11 15.17 -21.26
CA VAL A 108 6.65 15.57 -19.94
C VAL A 108 5.45 14.75 -19.47
N THR A 109 4.44 14.62 -20.32
CA THR A 109 3.34 13.72 -20.00
C THR A 109 3.88 12.33 -19.66
N ALA A 110 4.87 11.88 -20.42
CA ALA A 110 5.35 10.53 -20.26
C ALA A 110 5.91 10.41 -18.88
N SER A 111 6.66 11.43 -18.48
CA SER A 111 7.23 11.50 -17.14
C SER A 111 6.17 11.43 -16.06
N PHE A 112 5.09 12.20 -16.21
CA PHE A 112 4.06 12.22 -15.18
C PHE A 112 3.31 10.88 -15.11
N THR A 113 3.01 10.33 -16.28
CA THR A 113 2.34 9.04 -16.38
C THR A 113 3.24 7.99 -15.70
N ALA A 114 4.52 8.01 -16.03
CA ALA A 114 5.42 7.02 -15.51
C ALA A 114 5.55 7.20 -13.99
N SER A 115 5.50 8.44 -13.50
CA SER A 115 5.52 8.71 -12.03
C SER A 115 4.35 8.02 -11.36
N VAL A 116 3.15 8.25 -11.92
CA VAL A 116 1.91 7.58 -11.49
C VAL A 116 1.98 6.07 -11.71
N GLY A 117 2.60 5.68 -12.82
CA GLY A 117 2.83 4.28 -13.10
C GLY A 117 3.67 3.62 -12.02
N SER A 118 4.67 4.35 -11.56
CA SER A 118 5.66 3.81 -10.61
C SER A 118 5.08 3.64 -9.19
N LEU A 119 4.23 4.60 -8.79
CA LEU A 119 3.56 4.56 -7.50
C LEU A 119 2.47 3.51 -7.46
N PHE A 120 1.88 3.25 -8.61
CA PHE A 120 0.87 2.20 -8.71
C PHE A 120 1.54 0.86 -8.52
N LEU A 121 2.57 0.59 -9.31
CA LEU A 121 3.32 -0.67 -9.27
C LEU A 121 4.02 -0.90 -7.94
N ALA A 122 4.52 0.18 -7.35
CA ALA A 122 5.01 0.17 -5.96
C ALA A 122 3.93 -0.16 -4.92
N ALA A 123 2.71 0.35 -5.11
CA ALA A 123 1.61 0.18 -4.16
C ALA A 123 1.11 -1.28 -4.12
N ILE A 124 1.12 -1.94 -5.27
CA ILE A 124 0.96 -3.39 -5.33
C ILE A 124 2.12 -4.09 -4.63
N ASP A 125 3.34 -3.60 -4.84
CA ASP A 125 4.50 -4.21 -4.21
C ASP A 125 4.39 -4.17 -2.69
N ARG A 126 3.92 -3.05 -2.16
CA ARG A 126 3.68 -2.91 -0.71
C ARG A 126 2.51 -3.79 -0.16
N TYR A 127 1.35 -3.75 -0.81
CA TYR A 127 0.27 -4.64 -0.42
C TYR A 127 0.81 -6.06 -0.28
N ILE A 128 1.48 -6.57 -1.31
CA ILE A 128 1.76 -7.98 -1.37
C ILE A 128 2.81 -8.29 -0.32
N SER A 129 3.72 -7.35 -0.10
CA SER A 129 4.80 -7.56 0.88
C SER A 129 4.30 -7.74 2.32
N ILE A 130 3.11 -7.21 2.58
CA ILE A 130 2.49 -7.26 3.89
C ILE A 130 1.35 -8.27 3.87
N HIS A 131 0.67 -8.38 2.73
CA HIS A 131 -0.39 -9.34 2.63
C HIS A 131 0.18 -10.75 2.66
N ARG A 132 1.34 -10.97 2.07
CA ARG A 132 1.92 -12.32 1.92
C ARG A 132 3.42 -12.32 2.24
N PRO A 133 3.77 -12.13 3.47
CA PRO A 133 5.14 -11.78 3.81
C PRO A 133 6.20 -12.71 3.34
N LEU A 134 5.93 -14.00 3.41
CA LEU A 134 6.83 -15.00 2.82
C LEU A 134 6.68 -15.09 1.32
N ALA A 135 5.46 -15.28 0.86
CA ALA A 135 5.23 -15.57 -0.55
C ALA A 135 5.56 -14.37 -1.44
N TYR A 136 5.55 -13.17 -0.87
CA TYR A 136 5.93 -11.96 -1.61
C TYR A 136 7.23 -12.21 -2.40
N LYS A 137 8.18 -12.90 -1.77
CA LYS A 137 9.55 -12.99 -2.30
C LYS A 137 9.58 -13.80 -3.58
N ARG A 138 8.62 -14.72 -3.73
CA ARG A 138 8.36 -15.47 -4.97
C ARG A 138 7.18 -14.95 -5.81
N ILE A 139 6.39 -14.00 -5.27
CA ILE A 139 5.33 -13.34 -6.07
C ILE A 139 5.88 -12.12 -6.81
N VAL A 140 6.59 -11.25 -6.09
CA VAL A 140 7.28 -10.14 -6.75
C VAL A 140 8.78 -10.41 -6.85
N THR A 141 9.15 -10.94 -8.00
CA THR A 141 10.50 -11.42 -8.29
C THR A 141 11.16 -10.43 -9.21
N ARG A 142 12.48 -10.46 -9.26
CA ARG A 142 13.23 -9.48 -10.02
C ARG A 142 12.85 -9.41 -11.51
N PRO A 143 12.74 -10.56 -12.22
CA PRO A 143 12.38 -10.48 -13.62
C PRO A 143 10.99 -9.94 -13.80
N LYS A 144 10.09 -10.34 -12.91
CA LYS A 144 8.72 -9.89 -13.02
C LYS A 144 8.68 -8.40 -12.77
N ALA A 145 9.39 -7.96 -11.75
CA ALA A 145 9.43 -6.54 -11.39
C ALA A 145 9.84 -5.69 -12.60
N VAL A 146 10.80 -6.18 -13.36
CA VAL A 146 11.32 -5.40 -14.47
C VAL A 146 10.32 -5.33 -15.60
N VAL A 147 9.61 -6.42 -15.81
CA VAL A 147 8.64 -6.53 -16.87
C VAL A 147 7.42 -5.66 -16.55
N ALA A 148 7.02 -5.63 -15.28
CA ALA A 148 6.00 -4.68 -14.83
C ALA A 148 6.43 -3.26 -15.23
N PHE A 149 7.67 -2.89 -14.93
CA PHE A 149 8.09 -1.52 -15.14
C PHE A 149 8.20 -1.18 -16.62
N CYS A 150 8.66 -2.13 -17.42
CA CYS A 150 8.81 -1.91 -18.85
C CYS A 150 7.45 -1.72 -19.49
N LEU A 151 6.52 -2.60 -19.17
CA LEU A 151 5.16 -2.46 -19.68
C LEU A 151 4.61 -1.10 -19.27
N MET A 152 4.75 -0.80 -17.99
CA MET A 152 4.20 0.43 -17.48
C MET A 152 4.79 1.62 -18.24
N TRP A 153 6.08 1.55 -18.55
CA TRP A 153 6.75 2.62 -19.29
C TRP A 153 6.38 2.67 -20.76
N THR A 154 6.13 1.50 -21.34
CA THR A 154 5.79 1.48 -22.75
C THR A 154 4.37 2.01 -22.95
N ILE A 155 3.46 1.61 -22.08
CA ILE A 155 2.11 2.18 -22.09
C ILE A 155 2.20 3.70 -22.04
N ALA A 156 3.04 4.20 -21.13
CA ALA A 156 3.16 5.63 -20.85
C ALA A 156 3.72 6.33 -22.09
N ILE A 157 4.81 5.76 -22.61
CA ILE A 157 5.40 6.28 -23.83
C ILE A 157 4.43 6.16 -25.01
N VAL A 158 3.70 5.06 -25.07
CA VAL A 158 2.73 4.88 -26.13
C VAL A 158 1.61 5.91 -26.07
N ILE A 159 1.05 6.12 -24.88
CA ILE A 159 0.01 7.12 -24.73
C ILE A 159 0.55 8.48 -25.11
N ALA A 160 1.83 8.71 -24.85
CA ALA A 160 2.43 10.05 -25.04
C ALA A 160 2.76 10.35 -26.49
N VAL A 161 2.98 9.31 -27.30
CA VAL A 161 3.33 9.52 -28.71
C VAL A 161 2.10 9.59 -29.58
N LEU A 162 0.92 9.29 -29.03
CA LEU A 162 -0.33 9.30 -29.83
C LEU A 162 -0.49 10.57 -30.67
N PRO A 163 -0.12 11.73 -30.12
CA PRO A 163 -0.36 12.95 -30.88
C PRO A 163 0.54 13.08 -32.08
N LEU A 164 1.76 12.55 -31.97
CA LEU A 164 2.66 12.44 -33.14
C LEU A 164 2.22 11.42 -34.20
N LEU A 165 1.30 10.53 -33.87
CA LEU A 165 0.79 9.61 -34.87
C LEU A 165 -0.55 10.10 -35.40
N GLY A 166 -1.00 11.25 -34.92
CA GLY A 166 -2.15 11.93 -35.51
C GLY A 166 -3.26 12.30 -34.58
N TRP A 167 -3.09 12.04 -33.29
CA TRP A 167 -4.12 12.45 -32.30
C TRP A 167 -3.85 13.82 -31.73
N ASN A 168 -3.17 14.66 -32.51
CA ASN A 168 -3.17 16.08 -32.32
C ASN A 168 -4.34 16.76 -33.02
N CYS A 169 -4.50 18.06 -32.77
CA CYS A 169 -5.62 18.82 -33.28
C CYS A 169 -5.36 19.21 -34.72
N GLU A 170 -4.09 19.19 -35.13
CA GLU A 170 -3.72 19.54 -36.51
C GLU A 170 -4.13 18.50 -37.55
N LYS A 171 -3.68 17.26 -37.39
CA LYS A 171 -4.10 16.16 -38.25
C LYS A 171 -5.60 15.83 -38.09
N LEU A 172 -6.21 16.25 -36.99
CA LEU A 172 -7.64 16.07 -36.79
C LEU A 172 -8.50 17.28 -37.19
N GLN A 173 -7.88 18.46 -37.32
CA GLN A 173 -8.61 19.74 -37.24
C GLN A 173 -9.77 19.70 -36.23
N SER A 174 -9.45 19.59 -34.95
CA SER A 174 -10.45 19.82 -33.91
C SER A 174 -9.92 20.88 -32.94
N VAL A 175 -10.81 21.45 -32.13
CA VAL A 175 -10.48 22.59 -31.30
C VAL A 175 -9.14 22.27 -30.61
N CYS A 176 -8.13 23.13 -30.82
CA CYS A 176 -6.82 22.98 -30.18
C CYS A 176 -6.97 23.65 -28.83
N SER A 177 -6.16 23.25 -27.88
CA SER A 177 -6.29 23.79 -26.55
C SER A 177 -5.79 25.19 -26.40
N ASP A 178 -6.40 25.89 -25.46
CA ASP A 178 -6.08 27.26 -25.12
C ASP A 178 -4.70 27.37 -24.57
N ILE A 179 -4.36 26.36 -23.78
CA ILE A 179 -3.12 26.16 -23.10
C ILE A 179 -1.97 25.61 -23.95
N PHE A 180 -2.07 24.42 -24.53
CA PHE A 180 -0.95 23.89 -25.33
C PHE A 180 -1.10 23.87 -26.84
N PRO A 181 -0.21 24.54 -27.56
CA PRO A 181 -0.24 24.48 -29.03
C PRO A 181 -0.18 23.06 -29.54
N HIS A 182 -0.79 22.82 -30.70
CA HIS A 182 -0.50 21.64 -31.51
C HIS A 182 -1.12 20.36 -30.93
N ILE A 183 -2.12 20.48 -30.06
CA ILE A 183 -2.61 19.30 -29.33
C ILE A 183 -4.13 19.29 -29.16
N ASP A 184 -4.69 18.09 -29.27
CA ASP A 184 -6.13 17.91 -29.26
C ASP A 184 -6.67 17.83 -27.82
N GLU A 185 -7.70 18.61 -27.57
CA GLU A 185 -8.16 18.89 -26.21
C GLU A 185 -8.61 17.61 -25.52
N THR A 186 -9.29 16.73 -26.23
CA THR A 186 -9.86 15.55 -25.58
C THR A 186 -8.86 14.40 -25.50
N TYR A 187 -7.77 14.50 -26.25
CA TYR A 187 -6.57 13.72 -25.94
C TYR A 187 -5.96 13.95 -24.56
N LEU A 188 -5.99 15.18 -24.09
CA LEU A 188 -5.65 15.56 -22.76
C LEU A 188 -6.54 14.91 -21.74
N MET A 189 -7.82 15.07 -21.94
CA MET A 189 -8.84 14.52 -21.08
C MET A 189 -8.62 13.04 -20.90
N PHE A 190 -8.42 12.33 -22.01
CA PHE A 190 -8.01 10.93 -21.94
C PHE A 190 -6.82 10.82 -20.99
N TRP A 191 -5.73 11.52 -21.31
CA TRP A 191 -4.47 11.43 -20.54
C TRP A 191 -4.58 11.82 -19.05
N ILE A 192 -5.32 12.89 -18.79
CA ILE A 192 -5.60 13.30 -17.41
C ILE A 192 -6.52 12.30 -16.70
N GLY A 193 -7.53 11.81 -17.40
CA GLY A 193 -8.48 10.86 -16.81
C GLY A 193 -7.86 9.53 -16.46
N VAL A 194 -7.11 8.95 -17.39
CA VAL A 194 -6.32 7.74 -17.10
C VAL A 194 -5.54 7.94 -15.80
N THR A 195 -4.86 9.08 -15.72
CA THR A 195 -3.94 9.34 -14.63
C THR A 195 -4.70 9.67 -13.35
N SER A 196 -5.78 10.43 -13.48
CA SER A 196 -6.63 10.77 -12.34
C SER A 196 -7.24 9.54 -11.67
N VAL A 197 -7.91 8.70 -12.46
CA VAL A 197 -8.57 7.54 -11.86
C VAL A 197 -7.49 6.66 -11.29
N LEU A 198 -6.37 6.56 -11.99
CA LEU A 198 -5.30 5.69 -11.55
C LEU A 198 -4.68 6.20 -10.26
N LEU A 199 -4.61 7.52 -10.10
CA LEU A 199 -4.30 8.14 -8.82
C LEU A 199 -5.29 7.75 -7.72
N LEU A 200 -6.58 7.90 -7.99
CA LEU A 200 -7.58 7.48 -7.00
C LEU A 200 -7.32 6.05 -6.50
N PHE A 201 -7.19 5.08 -7.40
CA PHE A 201 -6.94 3.68 -6.99
C PHE A 201 -5.63 3.57 -6.18
N ILE A 202 -4.60 4.32 -6.58
CA ILE A 202 -3.33 4.35 -5.84
C ILE A 202 -3.48 4.89 -4.41
N VAL A 203 -4.43 5.80 -4.22
CA VAL A 203 -4.72 6.37 -2.90
C VAL A 203 -5.54 5.45 -2.01
N TYR A 204 -6.63 4.93 -2.55
CA TYR A 204 -7.35 3.87 -1.87
C TYR A 204 -6.31 2.85 -1.45
N ALA A 205 -5.57 2.34 -2.43
CA ALA A 205 -4.55 1.34 -2.17
C ALA A 205 -3.70 1.67 -0.95
N TYR A 206 -3.04 2.82 -0.97
CA TYR A 206 -2.13 3.16 0.12
C TYR A 206 -2.87 3.34 1.42
N MET A 207 -4.05 3.89 1.34
CA MET A 207 -4.84 4.08 2.52
C MET A 207 -5.25 2.76 3.14
N TYR A 208 -5.89 1.93 2.36
CA TYR A 208 -6.19 0.55 2.77
C TYR A 208 -5.02 -0.09 3.52
N ILE A 209 -3.82 0.07 2.96
CA ILE A 209 -2.65 -0.57 3.53
C ILE A 209 -2.33 0.06 4.88
N LEU A 210 -2.46 1.38 4.97
CA LEU A 210 -1.97 2.08 6.14
C LEU A 210 -2.99 2.06 7.31
N TRP A 211 -4.27 2.02 7.02
CA TRP A 211 -5.26 1.87 8.08
C TRP A 211 -5.40 0.41 8.55
N LYS A 212 -5.31 -0.52 7.63
CA LYS A 212 -5.42 -1.93 7.97
C LYS A 212 -4.15 -2.74 8.29
N ALA A 213 -2.99 -2.30 7.85
CA ALA A 213 -1.79 -3.10 8.04
C ALA A 213 -1.00 -2.90 9.31
N GLY A 214 -0.35 -3.98 9.76
CA GLY A 214 0.50 -4.06 10.94
C GLY A 214 -0.12 -4.06 12.32
N ILE A 215 0.66 -4.31 13.33
CA ILE A 215 0.18 -4.20 14.71
C ILE A 215 1.06 -3.34 15.59
N ASP A 216 0.61 -3.04 16.78
CA ASP A 216 1.41 -2.24 17.71
C ASP A 216 2.24 -3.15 18.64
N CYS A 217 3.50 -3.30 18.37
CA CYS A 217 4.27 -4.18 19.15
C CYS A 217 4.51 -3.61 20.52
N SER A 218 4.26 -2.32 20.69
CA SER A 218 4.35 -1.64 22.00
C SER A 218 3.17 -2.00 22.91
N PHE A 219 2.09 -2.47 22.30
CA PHE A 219 0.87 -2.80 23.03
C PHE A 219 0.46 -4.26 22.99
N TRP A 220 0.73 -4.92 21.89
CA TRP A 220 0.47 -6.36 21.79
C TRP A 220 1.73 -7.08 22.23
N ASN A 221 1.82 -7.27 23.54
CA ASN A 221 3.06 -7.63 24.22
C ASN A 221 2.77 -8.37 25.54
N GLU A 222 3.38 -9.55 25.66
CA GLU A 222 3.20 -10.41 26.82
C GLU A 222 3.48 -9.67 28.13
N SER A 223 4.36 -8.68 28.05
CA SER A 223 4.95 -8.07 29.23
C SER A 223 3.98 -7.19 30.02
N TYR A 224 2.83 -6.85 29.42
CA TYR A 224 1.72 -6.17 30.13
C TYR A 224 0.95 -7.06 31.10
N LEU A 225 1.16 -8.35 30.96
CA LEU A 225 0.45 -9.32 31.76
C LEU A 225 1.29 -9.94 32.83
N THR A 226 0.70 -9.96 33.99
CA THR A 226 1.29 -10.45 35.16
C THR A 226 0.70 -11.78 35.50
N GLY A 227 1.52 -12.68 35.98
CA GLY A 227 1.07 -13.95 36.48
C GLY A 227 1.39 -15.18 35.72
N SER A 228 0.65 -16.21 36.04
CA SER A 228 0.71 -17.45 35.28
C SER A 228 -0.35 -17.38 34.20
N ARG A 229 -0.09 -17.97 33.05
CA ARG A 229 -1.17 -18.10 32.05
C ARG A 229 -2.33 -18.85 32.67
N ASP A 230 -2.06 -19.98 33.32
CA ASP A 230 -3.15 -20.73 33.90
C ASP A 230 -4.00 -19.82 34.77
N GLU A 231 -3.37 -19.18 35.74
CA GLU A 231 -4.07 -18.25 36.63
C GLU A 231 -4.92 -17.23 35.87
N ARG A 232 -4.33 -16.64 34.84
CA ARG A 232 -5.03 -15.65 34.02
C ARG A 232 -6.20 -16.32 33.30
N LYS A 233 -6.00 -17.55 32.85
CA LYS A 233 -7.06 -18.29 32.15
C LYS A 233 -8.24 -18.59 33.08
N LYS A 234 -7.89 -19.12 34.25
CA LYS A 234 -8.87 -19.52 35.26
C LYS A 234 -9.71 -18.32 35.69
N SER A 235 -9.03 -17.18 35.86
CA SER A 235 -9.68 -15.99 36.40
C SER A 235 -10.68 -15.48 35.38
N LEU A 236 -10.21 -15.40 34.14
CA LEU A 236 -11.04 -15.05 32.99
C LEU A 236 -12.27 -15.95 32.90
N LEU A 237 -12.03 -17.25 32.97
CA LEU A 237 -13.09 -18.24 32.80
C LEU A 237 -14.16 -18.12 33.87
N SER A 238 -13.75 -17.75 35.08
CA SER A 238 -14.69 -17.55 36.19
C SER A 238 -15.43 -16.21 36.05
N LYS A 239 -14.78 -15.23 35.45
CA LYS A 239 -15.47 -14.01 35.06
C LYS A 239 -16.65 -14.29 34.14
N PHE A 240 -16.55 -15.35 33.35
CA PHE A 240 -17.67 -15.81 32.51
C PHE A 240 -18.39 -17.01 33.13
N GLY A 241 -18.20 -17.23 34.42
CA GLY A 241 -18.81 -18.35 35.10
C GLY A 241 -18.75 -19.67 34.33
N MET A 242 -17.59 -20.01 33.78
CA MET A 242 -17.33 -21.38 33.36
C MET A 242 -16.23 -21.96 34.23
N ASP A 243 -16.18 -23.28 34.27
CA ASP A 243 -15.06 -23.96 34.89
C ASP A 243 -13.86 -23.99 33.95
N GLU A 244 -12.70 -24.32 34.51
CA GLU A 244 -11.48 -24.55 33.72
C GLU A 244 -11.71 -25.53 32.58
N GLY A 245 -11.05 -25.30 31.45
CA GLY A 245 -11.26 -26.08 30.22
C GLY A 245 -10.68 -25.40 29.00
N VAL A 246 -10.30 -26.17 27.99
CA VAL A 246 -9.52 -25.64 26.86
C VAL A 246 -10.34 -24.57 26.16
N THR A 247 -9.71 -23.41 25.95
CA THR A 247 -10.47 -22.23 25.65
C THR A 247 -10.11 -21.71 24.27
N PHE A 248 -11.08 -21.79 23.39
CA PHE A 248 -10.93 -21.32 22.04
C PHE A 248 -11.61 -19.97 21.94
N MET A 249 -10.96 -19.06 21.26
CA MET A 249 -11.53 -17.75 21.10
C MET A 249 -11.78 -17.49 19.63
N PHE A 250 -12.90 -16.85 19.35
CA PHE A 250 -13.07 -16.21 18.09
C PHE A 250 -13.34 -14.76 18.37
N ILE A 251 -12.70 -13.91 17.60
CA ILE A 251 -13.03 -12.51 17.56
C ILE A 251 -13.03 -12.09 16.09
N GLY A 252 -14.03 -11.30 15.70
CA GLY A 252 -14.15 -10.88 14.32
C GLY A 252 -15.57 -10.52 13.95
N ARG A 253 -15.70 -9.93 12.76
CA ARG A 253 -17.00 -9.58 12.16
C ARG A 253 -17.84 -10.85 12.02
N PHE A 254 -19.08 -10.77 12.50
CA PHE A 254 -20.08 -11.77 12.11
C PHE A 254 -20.63 -11.50 10.72
N ASP A 255 -20.36 -12.40 9.79
CA ASP A 255 -20.79 -12.17 8.43
C ASP A 255 -20.69 -13.44 7.61
N ARG A 256 -21.15 -13.37 6.37
CA ARG A 256 -21.07 -14.49 5.46
C ARG A 256 -19.84 -14.32 4.59
N GLY A 257 -19.05 -15.39 4.49
CA GLY A 257 -18.04 -15.50 3.45
C GLY A 257 -16.85 -14.57 3.65
N GLN A 258 -16.76 -13.97 4.84
CA GLN A 258 -15.65 -13.11 5.16
C GLN A 258 -14.86 -13.57 6.37
N LYS A 259 -15.42 -13.41 7.56
CA LYS A 259 -14.81 -13.94 8.76
C LYS A 259 -15.79 -15.00 9.24
N GLY A 260 -15.33 -16.25 9.16
CA GLY A 260 -16.25 -17.37 9.08
C GLY A 260 -16.82 -17.82 10.42
N VAL A 261 -17.54 -16.92 11.08
CA VAL A 261 -18.23 -17.27 12.33
C VAL A 261 -19.33 -18.28 12.07
N ASP A 262 -20.01 -18.15 10.93
CA ASP A 262 -20.93 -19.16 10.42
C ASP A 262 -20.29 -20.56 10.29
N VAL A 263 -19.06 -20.62 9.77
CA VAL A 263 -18.30 -21.88 9.73
C VAL A 263 -18.00 -22.42 11.13
N LEU A 264 -17.60 -21.53 12.03
CA LEU A 264 -17.29 -21.91 13.41
C LEU A 264 -18.52 -22.39 14.19
N LEU A 265 -19.66 -21.71 14.02
CA LEU A 265 -20.95 -22.13 14.63
C LEU A 265 -21.46 -23.48 14.09
N LYS A 266 -21.21 -23.75 12.82
CA LYS A 266 -21.36 -25.11 12.31
C LYS A 266 -20.44 -26.10 13.02
N ALA A 267 -19.16 -25.76 13.16
CA ALA A 267 -18.19 -26.68 13.74
C ALA A 267 -18.53 -27.01 15.20
N ILE A 268 -19.14 -26.06 15.91
CA ILE A 268 -19.48 -26.29 17.32
C ILE A 268 -20.66 -27.26 17.45
N GLU A 269 -21.60 -27.23 16.50
CA GLU A 269 -22.75 -28.16 16.47
C GLU A 269 -22.32 -29.56 16.08
N ILE A 270 -21.38 -29.67 15.15
CA ILE A 270 -20.72 -30.95 14.87
C ILE A 270 -20.23 -31.54 16.18
N LEU A 271 -19.37 -30.79 16.88
CA LEU A 271 -18.72 -31.29 18.10
C LEU A 271 -19.70 -31.45 19.25
N SER A 272 -20.76 -30.67 19.20
CA SER A 272 -21.67 -30.46 20.33
C SER A 272 -22.02 -31.79 21.00
N SER A 273 -22.21 -32.83 20.20
CA SER A 273 -22.69 -34.10 20.71
C SER A 273 -21.57 -34.88 21.35
N LYS A 274 -20.34 -34.61 20.92
CA LYS A 274 -19.19 -35.36 21.38
C LYS A 274 -18.97 -35.18 22.88
N LYS A 275 -18.28 -36.15 23.46
CA LYS A 275 -17.92 -36.13 24.86
C LYS A 275 -16.80 -35.15 25.13
N GLU A 276 -16.01 -34.90 24.12
CA GLU A 276 -14.88 -34.03 24.18
C GLU A 276 -15.32 -32.60 24.32
N PHE A 277 -16.42 -32.27 23.72
CA PHE A 277 -16.98 -30.96 23.75
C PHE A 277 -17.14 -30.35 25.11
N GLN A 278 -17.58 -31.13 26.08
CA GLN A 278 -17.79 -30.62 27.45
C GLN A 278 -16.46 -30.21 28.13
N GLU A 279 -15.36 -30.72 27.58
CA GLU A 279 -14.01 -30.28 27.92
C GLU A 279 -13.60 -28.91 27.33
N MET A 280 -14.34 -28.40 26.35
CA MET A 280 -13.88 -27.26 25.58
C MET A 280 -14.65 -26.03 26.02
N ARG A 281 -14.07 -24.86 25.80
CA ARG A 281 -14.71 -23.60 26.13
C ARG A 281 -14.61 -22.66 24.94
N PHE A 282 -15.72 -22.02 24.59
CA PHE A 282 -15.77 -21.19 23.41
C PHE A 282 -16.14 -19.77 23.79
N ILE A 283 -15.28 -18.86 23.38
CA ILE A 283 -15.51 -17.46 23.56
C ILE A 283 -15.59 -16.79 22.22
N ILE A 284 -16.81 -16.46 21.84
CA ILE A 284 -17.07 -15.91 20.53
C ILE A 284 -17.40 -14.44 20.68
N ILE A 285 -16.63 -13.61 19.99
CA ILE A 285 -16.65 -12.20 20.23
C ILE A 285 -16.83 -11.54 18.90
N GLY A 286 -17.85 -10.69 18.80
CA GLY A 286 -18.03 -9.88 17.60
C GLY A 286 -19.49 -9.55 17.30
N LYS A 287 -19.72 -8.90 16.16
CA LYS A 287 -21.04 -8.42 15.77
C LYS A 287 -21.12 -8.28 14.25
N GLY A 288 -22.34 -8.34 13.72
CA GLY A 288 -22.60 -8.23 12.29
C GLY A 288 -24.04 -8.62 12.00
N ASP A 289 -24.22 -9.59 11.10
CA ASP A 289 -25.56 -10.14 10.80
C ASP A 289 -26.35 -10.39 12.08
N PRO A 290 -27.60 -10.03 12.07
CA PRO A 290 -28.47 -10.35 13.19
C PRO A 290 -28.71 -11.83 13.24
N GLU A 291 -28.55 -12.50 12.11
CA GLU A 291 -28.84 -13.91 12.06
C GLU A 291 -27.79 -14.73 12.79
N LEU A 292 -26.52 -14.42 12.53
CA LEU A 292 -25.42 -15.19 13.07
C LEU A 292 -25.24 -14.91 14.56
N GLU A 293 -25.59 -13.69 14.95
CA GLU A 293 -25.80 -13.36 16.34
C GLU A 293 -26.95 -14.19 17.00
N GLY A 294 -28.14 -14.16 16.40
CA GLY A 294 -29.21 -15.08 16.79
C GLY A 294 -28.82 -16.54 16.95
N TRP A 295 -28.23 -17.09 15.90
CA TRP A 295 -27.58 -18.41 15.95
C TRP A 295 -26.59 -18.56 17.13
N ALA A 296 -25.63 -17.64 17.19
CA ALA A 296 -24.53 -17.76 18.14
C ALA A 296 -25.06 -17.62 19.56
N ARG A 297 -26.07 -16.77 19.74
CA ARG A 297 -26.70 -16.60 21.06
C ARG A 297 -27.46 -17.86 21.49
N SER A 298 -28.06 -18.54 20.51
CA SER A 298 -28.79 -19.77 20.79
C SER A 298 -27.82 -20.86 21.23
N LEU A 299 -26.68 -20.95 20.55
CA LEU A 299 -25.68 -21.93 20.95
C LEU A 299 -25.18 -21.66 22.36
N GLU A 300 -25.08 -20.38 22.71
CA GLU A 300 -24.80 -19.94 24.09
C GLU A 300 -25.86 -20.46 25.08
N GLU A 301 -27.12 -20.08 24.88
CA GLU A 301 -28.17 -20.52 25.81
C GLU A 301 -28.40 -22.01 25.73
N LYS A 302 -27.96 -22.63 24.65
CA LYS A 302 -27.96 -24.08 24.59
C LYS A 302 -26.87 -24.68 25.47
N HIS A 303 -25.62 -24.32 25.21
CA HIS A 303 -24.49 -24.83 26.01
C HIS A 303 -23.87 -23.72 26.85
N GLY A 304 -23.46 -24.06 28.06
CA GLY A 304 -22.82 -23.10 28.94
C GLY A 304 -21.31 -23.22 28.92
N ASN A 305 -20.78 -23.96 27.96
CA ASN A 305 -19.35 -23.92 27.65
C ASN A 305 -19.11 -23.08 26.40
N VAL A 306 -20.17 -22.41 25.95
CA VAL A 306 -20.09 -21.48 24.84
C VAL A 306 -20.43 -20.12 25.43
N LYS A 307 -19.76 -19.08 24.92
CA LYS A 307 -19.89 -17.73 25.46
C LYS A 307 -19.68 -16.69 24.37
N VAL A 308 -20.70 -15.86 24.17
CA VAL A 308 -20.74 -14.93 23.05
C VAL A 308 -20.78 -13.53 23.61
N ILE A 309 -20.12 -12.62 22.91
CA ILE A 309 -20.01 -11.22 23.32
C ILE A 309 -20.14 -10.32 22.09
N THR A 310 -21.25 -9.59 22.03
CA THR A 310 -21.48 -8.62 20.99
C THR A 310 -21.30 -7.24 21.57
N GLU A 311 -21.15 -7.20 22.88
CA GLU A 311 -20.90 -5.96 23.56
C GLU A 311 -19.49 -5.54 23.16
N MET A 312 -19.35 -4.29 22.72
CA MET A 312 -18.07 -3.74 22.30
C MET A 312 -17.01 -3.81 23.41
N LEU A 313 -15.91 -4.49 23.12
CA LEU A 313 -14.89 -4.81 24.13
C LEU A 313 -13.60 -4.03 24.20
N SER A 314 -13.10 -3.83 25.41
CA SER A 314 -11.91 -3.04 25.64
C SER A 314 -10.73 -3.73 25.01
N ARG A 315 -9.92 -2.98 24.28
CA ARG A 315 -8.74 -3.57 23.60
C ARG A 315 -7.76 -4.23 24.59
N GLU A 316 -7.73 -3.71 25.81
CA GLU A 316 -6.78 -4.15 26.80
C GLU A 316 -7.31 -5.45 27.31
N PHE A 317 -8.62 -5.56 27.41
CA PHE A 317 -9.24 -6.85 27.69
C PHE A 317 -8.99 -7.88 26.58
N VAL A 318 -9.02 -7.45 25.33
CA VAL A 318 -8.78 -8.39 24.22
C VAL A 318 -7.36 -8.94 24.30
N ARG A 319 -6.39 -8.08 24.65
CA ARG A 319 -5.06 -8.52 25.02
C ARG A 319 -5.08 -9.52 26.21
N GLU A 320 -5.85 -9.23 27.27
CA GLU A 320 -5.99 -10.19 28.39
C GLU A 320 -6.54 -11.52 27.90
N LEU A 321 -7.41 -11.46 26.89
CA LEU A 321 -7.92 -12.68 26.27
C LEU A 321 -6.86 -13.45 25.47
N TYR A 322 -6.28 -12.81 24.46
CA TYR A 322 -5.12 -13.35 23.76
C TYR A 322 -4.10 -13.95 24.73
N GLY A 323 -3.87 -13.26 25.84
CA GLY A 323 -2.93 -13.73 26.84
C GLY A 323 -3.35 -15.01 27.56
N SER A 324 -4.64 -15.35 27.53
CA SER A 324 -5.24 -16.34 28.46
C SER A 324 -5.79 -17.64 27.88
N VAL A 325 -6.31 -17.51 26.66
CA VAL A 325 -7.00 -18.60 26.00
C VAL A 325 -5.89 -19.41 25.39
N ASP A 326 -6.22 -20.64 25.03
CA ASP A 326 -5.24 -21.60 24.58
C ASP A 326 -5.09 -21.51 23.07
N PHE A 327 -6.23 -21.41 22.41
CA PHE A 327 -6.25 -21.31 20.99
C PHE A 327 -7.12 -20.16 20.52
N VAL A 328 -6.75 -19.66 19.35
CA VAL A 328 -7.44 -18.59 18.73
C VAL A 328 -7.83 -19.13 17.39
N ILE A 329 -9.10 -18.95 17.01
CA ILE A 329 -9.65 -19.60 15.82
C ILE A 329 -9.97 -18.54 14.79
N ILE A 330 -9.33 -18.65 13.63
CA ILE A 330 -9.41 -17.60 12.61
C ILE A 330 -9.92 -18.23 11.30
N PRO A 331 -11.24 -18.45 11.21
CA PRO A 331 -11.83 -19.19 10.11
C PRO A 331 -12.13 -18.32 8.89
N SER A 332 -11.15 -17.53 8.48
CA SER A 332 -11.40 -16.50 7.49
C SER A 332 -11.51 -17.07 6.08
N TYR A 333 -12.40 -16.50 5.31
CA TYR A 333 -12.41 -16.72 3.87
C TYR A 333 -11.39 -15.76 3.25
N PHE A 334 -11.27 -14.57 3.85
CA PHE A 334 -10.32 -13.57 3.40
C PHE A 334 -9.55 -12.96 4.59
N GLU A 335 -8.22 -12.85 4.47
CA GLU A 335 -7.45 -12.08 5.47
C GLU A 335 -6.40 -11.15 4.90
N PRO A 336 -6.74 -9.85 4.84
CA PRO A 336 -5.89 -8.83 4.24
C PRO A 336 -4.50 -8.87 4.91
N PHE A 337 -4.42 -8.58 6.22
CA PHE A 337 -3.11 -8.56 6.90
C PHE A 337 -2.90 -9.38 8.17
N GLY A 338 -3.81 -10.30 8.46
CA GLY A 338 -3.53 -11.32 9.46
C GLY A 338 -3.23 -10.71 10.82
N LEU A 339 -3.79 -9.54 11.10
CA LEU A 339 -3.59 -8.88 12.39
C LEU A 339 -4.03 -9.74 13.60
N VAL A 340 -5.23 -10.27 13.58
CA VAL A 340 -5.69 -11.03 14.71
C VAL A 340 -4.68 -12.14 15.03
N ALA A 341 -4.28 -12.87 14.01
CA ALA A 341 -3.35 -13.96 14.17
C ALA A 341 -2.08 -13.44 14.80
N LEU A 342 -1.54 -12.36 14.26
CA LEU A 342 -0.26 -11.81 14.72
C LEU A 342 -0.32 -11.30 16.16
N GLU A 343 -1.36 -10.53 16.48
CA GLU A 343 -1.61 -10.15 17.87
C GLU A 343 -1.75 -11.38 18.74
N ALA A 344 -2.60 -12.29 18.31
CA ALA A 344 -2.96 -13.41 19.16
C ALA A 344 -1.70 -14.15 19.54
N MET A 345 -0.82 -14.38 18.57
CA MET A 345 0.36 -15.27 18.73
C MET A 345 1.43 -14.54 19.51
N CYS A 346 1.55 -13.25 19.24
CA CYS A 346 2.44 -12.38 20.03
C CYS A 346 2.26 -12.62 21.52
N LEU A 347 1.03 -12.94 21.92
CA LEU A 347 0.70 -13.18 23.33
C LEU A 347 0.46 -14.63 23.64
N GLY A 348 1.07 -15.51 22.85
CA GLY A 348 1.07 -16.93 23.16
C GLY A 348 -0.28 -17.61 23.01
N ALA A 349 -1.18 -17.06 22.20
CA ALA A 349 -2.34 -17.81 21.75
C ALA A 349 -1.98 -18.59 20.48
N ILE A 350 -2.17 -19.91 20.52
CA ILE A 350 -1.93 -20.74 19.35
C ILE A 350 -3.10 -20.66 18.33
N PRO A 351 -2.80 -20.40 17.04
CA PRO A 351 -3.83 -20.11 16.06
C PRO A 351 -4.30 -21.34 15.31
N ILE A 352 -5.61 -21.52 15.25
CA ILE A 352 -6.23 -22.44 14.33
C ILE A 352 -6.95 -21.60 13.31
N ALA A 353 -6.43 -21.58 12.10
CA ALA A 353 -6.81 -20.58 11.13
C ALA A 353 -6.99 -21.18 9.73
N SER A 354 -7.91 -20.59 8.96
CA SER A 354 -8.11 -20.92 7.56
C SER A 354 -6.85 -20.63 6.81
N ALA A 355 -6.62 -21.38 5.74
CA ALA A 355 -5.31 -21.31 5.08
C ALA A 355 -5.35 -20.32 3.91
N VAL A 356 -5.39 -19.04 4.25
CA VAL A 356 -5.69 -17.99 3.28
C VAL A 356 -4.81 -16.76 3.54
N GLY A 357 -4.61 -15.97 2.50
CA GLY A 357 -3.68 -14.84 2.54
C GLY A 357 -2.43 -15.16 3.30
N GLY A 358 -2.04 -14.26 4.18
CA GLY A 358 -0.80 -14.41 4.95
C GLY A 358 -0.83 -15.54 5.98
N LEU A 359 -2.03 -15.92 6.43
CA LEU A 359 -2.20 -17.04 7.36
C LEU A 359 -1.45 -18.24 6.84
N ARG A 360 -1.35 -18.35 5.51
CA ARG A 360 -0.58 -19.43 4.89
C ARG A 360 0.91 -19.31 5.20
N ASP A 361 1.40 -18.07 5.20
CA ASP A 361 2.80 -17.79 5.44
C ASP A 361 3.10 -17.76 6.92
N ILE A 362 2.17 -17.24 7.71
CA ILE A 362 2.42 -17.01 9.14
C ILE A 362 2.40 -18.34 9.91
N ILE A 363 1.26 -19.03 9.90
CA ILE A 363 1.17 -20.30 10.64
C ILE A 363 1.93 -21.45 9.97
N THR A 364 2.87 -22.01 10.71
CA THR A 364 3.68 -23.11 10.25
C THR A 364 3.22 -24.30 11.10
N ASN A 365 3.78 -25.48 10.89
CA ASN A 365 3.34 -26.64 11.64
C ASN A 365 3.78 -26.61 13.08
N GLU A 366 4.83 -25.83 13.35
CA GLU A 366 5.35 -25.68 14.72
C GLU A 366 4.72 -24.51 15.47
N THR A 367 3.77 -23.83 14.85
CA THR A 367 3.13 -22.69 15.51
C THR A 367 1.61 -22.76 15.57
N GLY A 368 0.96 -23.45 14.65
CA GLY A 368 -0.48 -23.61 14.76
C GLY A 368 -1.10 -24.65 13.85
N ILE A 369 -2.38 -24.45 13.51
CA ILE A 369 -3.12 -25.37 12.65
C ILE A 369 -3.79 -24.58 11.52
N LEU A 370 -3.67 -25.09 10.31
CA LEU A 370 -4.37 -24.53 9.15
C LEU A 370 -5.49 -25.47 8.69
N VAL A 371 -6.57 -24.90 8.15
CA VAL A 371 -7.66 -25.67 7.56
C VAL A 371 -8.09 -25.09 6.23
N LYS A 372 -8.92 -25.86 5.53
CA LYS A 372 -9.62 -25.39 4.35
C LYS A 372 -10.69 -24.39 4.75
N ALA A 373 -10.65 -23.22 4.14
CA ALA A 373 -11.69 -22.23 4.39
C ALA A 373 -13.05 -22.79 3.94
N GLY A 374 -14.11 -22.34 4.62
CA GLY A 374 -15.48 -22.69 4.23
C GLY A 374 -15.97 -24.06 4.71
N ASP A 375 -15.10 -24.79 5.41
CA ASP A 375 -15.36 -26.19 5.76
C ASP A 375 -15.50 -26.40 7.28
N PRO A 376 -16.75 -26.55 7.77
CA PRO A 376 -16.91 -26.73 9.21
C PRO A 376 -16.37 -28.05 9.70
N GLY A 377 -16.13 -28.97 8.78
CA GLY A 377 -15.73 -30.31 9.13
C GLY A 377 -14.23 -30.34 9.34
N GLU A 378 -13.50 -29.65 8.48
CA GLU A 378 -12.05 -29.52 8.62
C GLU A 378 -11.72 -28.71 9.88
N LEU A 379 -12.58 -27.75 10.22
CA LEU A 379 -12.45 -27.00 11.43
C LEU A 379 -12.77 -27.84 12.66
N ALA A 380 -13.97 -28.40 12.70
CA ALA A 380 -14.39 -29.25 13.79
C ALA A 380 -13.32 -30.26 14.18
N ASN A 381 -12.67 -30.87 13.19
CA ASN A 381 -11.53 -31.76 13.48
C ASN A 381 -10.29 -31.01 13.98
N ALA A 382 -9.96 -29.90 13.34
CA ALA A 382 -8.84 -29.11 13.80
C ALA A 382 -8.98 -28.93 15.29
N ILE A 383 -10.12 -28.41 15.69
CA ILE A 383 -10.38 -28.11 17.09
C ILE A 383 -10.12 -29.34 17.93
N LEU A 384 -10.60 -30.48 17.46
CA LEU A 384 -10.38 -31.73 18.12
C LEU A 384 -8.90 -32.09 18.19
N LYS A 385 -8.15 -31.89 17.11
CA LYS A 385 -6.72 -32.15 17.14
C LYS A 385 -6.03 -31.24 18.14
N ALA A 386 -6.59 -30.03 18.26
CA ALA A 386 -6.12 -28.97 19.19
C ALA A 386 -6.44 -29.28 20.65
N LEU A 387 -7.55 -29.97 20.89
CA LEU A 387 -7.85 -30.48 22.20
C LEU A 387 -7.00 -31.70 22.62
N GLU A 388 -6.66 -32.59 21.68
CA GLU A 388 -5.64 -33.60 21.91
C GLU A 388 -4.22 -33.03 22.03
N LEU A 389 -3.87 -32.08 21.18
CA LEU A 389 -2.58 -31.40 21.32
C LEU A 389 -2.40 -30.77 22.68
N SER A 390 -3.49 -30.28 23.25
CA SER A 390 -3.47 -29.63 24.55
C SER A 390 -3.37 -30.61 25.71
N ARG A 391 -3.20 -31.90 25.41
CA ARG A 391 -2.99 -32.89 26.46
C ARG A 391 -1.53 -33.04 26.79
N SER A 392 -0.66 -32.76 25.80
CA SER A 392 0.74 -32.42 26.06
C SER A 392 0.89 -30.96 26.51
N ASP A 393 2.12 -30.52 26.71
CA ASP A 393 2.38 -29.13 27.05
C ASP A 393 2.44 -28.20 25.84
N LEU A 394 1.85 -27.02 25.97
CA LEU A 394 1.80 -26.05 24.87
C LEU A 394 2.78 -24.88 24.98
N SER A 395 3.63 -24.89 26.01
CA SER A 395 4.63 -23.83 26.21
C SER A 395 5.52 -23.57 25.00
N LYS A 396 5.99 -24.65 24.38
CA LYS A 396 6.83 -24.51 23.20
C LYS A 396 6.05 -23.84 22.10
N PHE A 397 4.83 -24.30 21.90
CA PHE A 397 3.95 -23.76 20.87
C PHE A 397 3.71 -22.26 21.04
N ARG A 398 3.38 -21.83 22.26
CA ARG A 398 3.11 -20.43 22.50
C ARG A 398 4.40 -19.64 22.38
N GLU A 399 5.52 -20.30 22.69
CA GLU A 399 6.83 -19.65 22.62
C GLU A 399 7.22 -19.46 21.16
N ASN A 400 7.09 -20.55 20.40
CA ASN A 400 7.30 -20.51 18.97
C ASN A 400 6.42 -19.48 18.30
N CYS A 401 5.16 -19.45 18.70
CA CYS A 401 4.22 -18.44 18.26
C CYS A 401 4.72 -17.02 18.50
N LYS A 402 5.21 -16.74 19.70
CA LYS A 402 5.64 -15.37 20.08
C LYS A 402 6.69 -14.80 19.14
N LYS A 403 7.78 -15.54 18.93
CA LYS A 403 8.92 -15.04 18.15
C LYS A 403 8.53 -14.83 16.70
N ARG A 404 7.93 -15.86 16.12
CA ARG A 404 7.55 -15.82 14.72
C ARG A 404 6.70 -14.59 14.46
N ALA A 405 5.70 -14.38 15.30
CA ALA A 405 4.86 -13.21 15.17
C ALA A 405 5.72 -11.95 15.28
N MET A 406 6.60 -11.89 16.28
CA MET A 406 7.57 -10.77 16.40
C MET A 406 8.29 -10.54 15.07
N SER A 407 8.90 -11.59 14.54
CA SER A 407 9.60 -11.49 13.27
C SER A 407 8.71 -10.87 12.20
N PHE A 408 7.54 -11.46 11.98
CA PHE A 408 6.57 -10.90 11.04
C PHE A 408 6.18 -9.45 11.34
N SER A 409 5.84 -9.18 12.60
CA SER A 409 5.46 -7.84 13.03
C SER A 409 6.52 -6.82 12.64
N ASP A 410 7.78 -7.18 12.82
CA ASP A 410 8.89 -6.29 12.49
C ASP A 410 9.00 -6.08 10.98
N GLN A 411 9.09 -7.19 10.24
CA GLN A 411 9.20 -7.13 8.79
C GLN A 411 8.13 -6.22 8.24
N ALA A 412 6.93 -6.28 8.81
CA ALA A 412 5.81 -5.45 8.38
C ALA A 412 6.02 -4.01 8.76
N ARG A 413 6.60 -3.78 9.94
CA ARG A 413 6.99 -2.43 10.36
C ARG A 413 7.99 -1.81 9.38
N MET A 414 8.96 -2.59 8.93
CA MET A 414 9.83 -2.16 7.83
C MET A 414 9.06 -1.80 6.54
N ASP A 415 8.17 -2.70 6.10
CA ASP A 415 7.53 -2.56 4.82
C ASP A 415 6.43 -1.52 4.88
N ILE A 416 5.81 -1.33 6.03
CA ILE A 416 4.91 -0.18 6.24
C ILE A 416 5.66 1.16 6.26
N ARG A 417 6.94 1.14 6.61
CA ARG A 417 7.77 2.36 6.59
C ARG A 417 8.03 2.79 5.15
N LEU A 418 8.54 1.86 4.35
CA LEU A 418 8.71 2.11 2.91
C LEU A 418 7.40 2.53 2.26
N ALA A 419 6.28 2.07 2.79
CA ALA A 419 4.97 2.49 2.27
C ALA A 419 4.75 3.95 2.51
N LYS A 420 5.08 4.41 3.72
CA LYS A 420 4.85 5.81 4.14
C LYS A 420 5.68 6.76 3.32
N THR A 421 6.91 6.37 3.01
CA THR A 421 7.79 7.12 2.09
C THR A 421 7.08 7.42 0.78
N LEU A 422 6.40 6.39 0.27
CA LEU A 422 5.77 6.43 -1.04
C LEU A 422 4.50 7.25 -0.96
N VAL A 423 3.87 7.29 0.21
CA VAL A 423 2.71 8.16 0.44
C VAL A 423 3.16 9.62 0.40
N LEU A 424 4.23 9.91 1.13
CA LEU A 424 4.88 11.19 1.05
C LEU A 424 5.21 11.57 -0.40
N ILE A 425 5.85 10.67 -1.13
CA ILE A 425 6.18 10.94 -2.52
C ILE A 425 4.94 11.22 -3.35
N LEU A 426 3.89 10.46 -3.10
CA LEU A 426 2.55 10.70 -3.65
C LEU A 426 1.95 12.04 -3.30
N VAL A 427 1.90 12.33 -2.01
CA VAL A 427 1.30 13.56 -1.54
C VAL A 427 1.99 14.76 -2.21
N VAL A 428 3.31 14.75 -2.20
CA VAL A 428 4.09 15.78 -2.89
C VAL A 428 3.73 15.84 -4.37
N LEU A 429 3.49 14.67 -4.96
CA LEU A 429 3.22 14.59 -6.38
C LEU A 429 1.84 15.12 -6.69
N ILE A 430 0.88 14.82 -5.83
CA ILE A 430 -0.46 15.36 -6.04
C ILE A 430 -0.39 16.88 -5.86
N ILE A 431 0.47 17.33 -4.95
CA ILE A 431 0.55 18.73 -4.60
C ILE A 431 1.10 19.52 -5.76
N CYS A 432 2.21 19.08 -6.32
CA CYS A 432 2.78 19.80 -7.44
C CYS A 432 1.86 19.84 -8.67
N TRP A 433 1.42 18.65 -9.08
CA TRP A 433 0.71 18.48 -10.34
C TRP A 433 -0.79 18.71 -10.20
N GLY A 434 -1.31 18.46 -9.00
CA GLY A 434 -2.75 18.59 -8.69
C GLY A 434 -3.46 19.85 -9.15
N PRO A 435 -2.99 21.03 -8.70
CA PRO A 435 -3.37 22.34 -9.25
C PRO A 435 -3.39 22.41 -10.79
N LEU A 436 -2.35 21.88 -11.40
CA LEU A 436 -2.12 22.12 -12.82
C LEU A 436 -3.12 21.30 -13.65
N LEU A 437 -3.33 20.06 -13.27
CA LEU A 437 -4.27 19.22 -14.01
C LEU A 437 -5.70 19.69 -13.73
N ALA A 438 -6.01 20.00 -12.48
CA ALA A 438 -7.25 20.70 -12.20
C ALA A 438 -7.44 21.85 -13.18
N ILE A 439 -6.44 22.72 -13.29
CA ILE A 439 -6.55 23.88 -14.19
C ILE A 439 -6.78 23.42 -15.63
N MET A 440 -6.06 22.39 -16.06
CA MET A 440 -6.14 21.93 -17.44
C MET A 440 -7.49 21.34 -17.81
N VAL A 441 -8.03 20.53 -16.89
CA VAL A 441 -9.43 20.11 -16.96
C VAL A 441 -10.33 21.33 -16.94
N TYR A 442 -10.08 22.22 -16.00
CA TYR A 442 -10.83 23.44 -15.93
C TYR A 442 -10.76 24.20 -17.24
N ASP A 443 -9.59 24.23 -17.87
CA ASP A 443 -9.43 24.94 -19.14
C ASP A 443 -10.32 24.37 -20.23
N VAL A 444 -10.35 23.04 -20.33
CA VAL A 444 -10.99 22.37 -21.47
C VAL A 444 -12.50 22.50 -21.34
N PHE A 445 -12.90 22.18 -20.13
CA PHE A 445 -14.23 22.40 -19.71
C PHE A 445 -14.27 23.83 -19.24
N GLY A 446 -15.40 24.45 -19.45
CA GLY A 446 -15.56 25.81 -19.01
C GLY A 446 -14.72 26.81 -19.75
N LYS A 447 -14.50 27.93 -19.08
CA LYS A 447 -13.83 29.05 -19.69
C LYS A 447 -12.63 29.51 -18.92
N MET A 448 -11.58 29.81 -19.66
CA MET A 448 -10.37 30.25 -19.03
C MET A 448 -10.33 31.73 -18.81
N ASN A 449 -9.62 32.12 -17.76
CA ASN A 449 -9.35 33.51 -17.42
C ASN A 449 -7.99 33.92 -17.95
N LYS A 450 -7.57 35.13 -17.58
CA LYS A 450 -6.22 35.60 -17.80
C LYS A 450 -5.40 35.81 -16.53
N LEU A 451 -6.06 35.88 -15.37
CA LEU A 451 -5.38 35.58 -14.11
C LEU A 451 -5.00 34.12 -14.09
N ILE A 452 -6.01 33.25 -14.22
CA ILE A 452 -5.80 31.82 -14.03
C ILE A 452 -4.71 31.31 -14.96
N LYS A 453 -4.71 31.80 -16.20
CA LYS A 453 -3.67 31.49 -17.18
C LYS A 453 -2.25 31.69 -16.64
N THR A 454 -2.11 32.62 -15.70
CA THR A 454 -0.82 32.90 -15.05
C THR A 454 -0.50 31.91 -13.95
N VAL A 455 -1.49 31.58 -13.15
CA VAL A 455 -1.26 30.67 -12.05
C VAL A 455 -1.09 29.24 -12.59
N PHE A 456 -1.53 29.05 -13.83
CA PHE A 456 -1.08 27.90 -14.57
C PHE A 456 0.44 27.90 -14.70
N ALA A 457 0.97 28.87 -15.45
CA ALA A 457 2.41 28.99 -15.71
C ALA A 457 3.24 28.92 -14.44
N PHE A 458 2.73 29.54 -13.39
CA PHE A 458 3.32 29.42 -12.05
C PHE A 458 3.35 27.98 -11.59
N CYS A 459 2.19 27.32 -11.64
CA CYS A 459 2.07 25.93 -11.21
C CYS A 459 2.90 24.95 -12.02
N SER A 460 3.17 25.30 -13.28
CA SER A 460 4.04 24.51 -14.14
C SER A 460 5.31 24.13 -13.43
N MET A 461 5.83 25.10 -12.70
CA MET A 461 7.18 25.00 -12.20
C MET A 461 7.18 23.98 -11.07
N LEU A 462 6.03 23.74 -10.47
CA LEU A 462 5.93 22.73 -9.44
C LEU A 462 6.10 21.31 -10.02
N CYS A 463 5.88 21.16 -11.32
CA CYS A 463 6.25 19.93 -12.01
C CYS A 463 7.75 19.67 -11.93
N LEU A 464 8.52 20.71 -12.21
CA LEU A 464 9.97 20.71 -12.01
C LEU A 464 10.30 20.60 -10.53
N LEU A 465 9.67 21.43 -9.72
CA LEU A 465 9.91 21.34 -8.29
C LEU A 465 9.75 19.92 -7.75
N ASN A 466 8.71 19.23 -8.17
CA ASN A 466 8.48 17.87 -7.69
C ASN A 466 9.69 17.01 -8.01
N SER A 467 10.32 17.25 -9.15
CA SER A 467 11.44 16.44 -9.62
C SER A 467 12.69 16.72 -8.82
N THR A 468 12.85 17.97 -8.38
CA THR A 468 13.86 18.36 -7.37
C THR A 468 13.76 17.66 -6.01
N VAL A 469 12.55 17.63 -5.46
CA VAL A 469 12.41 17.24 -4.06
C VAL A 469 12.35 15.73 -3.93
N ASN A 470 12.03 15.02 -5.00
CA ASN A 470 11.94 13.55 -4.93
C ASN A 470 13.31 12.96 -4.56
N PRO A 471 14.38 13.41 -5.25
CA PRO A 471 15.70 12.90 -4.94
C PRO A 471 16.09 13.15 -3.49
N ILE A 472 15.63 14.28 -2.96
CA ILE A 472 15.97 14.69 -1.60
C ILE A 472 15.28 13.83 -0.52
N ILE A 473 14.06 13.41 -0.77
CA ILE A 473 13.38 12.60 0.20
C ILE A 473 13.75 11.17 0.07
N TYR A 474 14.21 10.76 -1.09
CA TYR A 474 14.90 9.48 -1.15
C TYR A 474 16.04 9.54 -0.18
N ALA A 475 16.82 10.62 -0.28
CA ALA A 475 18.00 10.82 0.57
C ALA A 475 17.66 10.83 2.08
N LEU A 476 16.62 11.57 2.44
CA LEU A 476 16.23 11.76 3.84
C LEU A 476 15.59 10.54 4.47
N ARG A 477 14.90 9.76 3.64
CA ARG A 477 13.90 8.82 4.11
C ARG A 477 14.35 7.37 4.00
N SER A 478 15.47 7.12 3.32
CA SER A 478 15.99 5.76 3.20
C SER A 478 17.49 5.68 3.50
N LYS A 479 17.79 5.11 4.65
CA LYS A 479 19.18 4.87 5.02
C LYS A 479 19.90 4.13 3.91
N ASP A 480 19.20 3.22 3.25
CA ASP A 480 19.84 2.27 2.37
C ASP A 480 20.32 2.99 1.13
N LEU A 481 19.51 3.91 0.64
CA LEU A 481 19.99 4.80 -0.40
C LEU A 481 21.20 5.57 0.07
N ARG A 482 21.08 6.20 1.23
CA ARG A 482 22.20 6.94 1.80
C ARG A 482 23.47 6.12 1.88
N HIS A 483 23.38 4.90 2.37
CA HIS A 483 24.56 4.10 2.60
C HIS A 483 25.16 3.65 1.26
N ALA A 484 24.30 3.39 0.29
CA ALA A 484 24.76 2.92 -1.01
C ALA A 484 25.59 3.97 -1.71
N PHE A 485 25.33 5.23 -1.35
CA PHE A 485 25.96 6.39 -1.98
C PHE A 485 27.35 6.59 -1.37
N ARG A 486 27.47 6.32 -0.08
CA ARG A 486 28.76 6.31 0.62
C ARG A 486 29.66 5.14 0.22
N SER A 487 29.09 4.12 -0.42
CA SER A 487 29.87 3.01 -0.93
C SER A 487 30.83 3.45 -2.04
N MET A 488 30.45 4.50 -2.76
CA MET A 488 31.31 5.04 -3.83
C MET A 488 32.57 5.73 -3.26
N PHE A 489 32.39 6.85 -2.56
CA PHE A 489 33.51 7.57 -1.92
C PHE A 489 33.99 6.89 -0.63
C1 PEG B . 2.47 -7.98 -10.04
O1 PEG B . 2.34 -8.82 -8.91
C2 PEG B . 3.89 -7.45 -10.12
O2 PEG B . 3.96 -6.15 -9.56
C3 PEG B . 5.14 -5.84 -8.88
C4 PEG B . 5.71 -4.49 -9.32
O4 PEG B . 6.94 -4.25 -8.68
C1 PEG C . 9.37 -11.01 -21.96
O1 PEG C . 8.96 -9.68 -22.08
C2 PEG C . 9.38 -11.35 -20.46
O2 PEG C . 10.06 -12.55 -20.24
C3 PEG C . 11.46 -12.51 -20.33
C4 PEG C . 12.03 -13.70 -19.55
O4 PEG C . 11.77 -13.47 -18.20
C1 PEG D . 12.46 -7.61 -21.05
O1 PEG D . 11.74 -6.41 -21.12
C2 PEG D . 13.78 -7.35 -20.33
O2 PEG D . 14.08 -8.44 -19.50
C3 PEG D . 13.62 -8.34 -18.18
C4 PEG D . 13.62 -9.73 -17.50
O4 PEG D . 14.68 -9.79 -16.60
C1 PEG E . 3.22 -17.28 30.89
O1 PEG E . 3.65 -15.97 31.18
C2 PEG E . 3.66 -18.23 32.02
O2 PEG E . 3.40 -19.57 31.67
C3 PEG E . 3.28 -20.42 32.79
C4 PEG E . 2.21 -21.49 32.55
O4 PEG E . 1.01 -21.15 33.19
C1 PEG F . 20.08 14.88 2.73
O1 PEG F . 20.90 15.53 1.81
C2 PEG F . 20.59 15.20 4.13
O2 PEG F . 21.31 14.10 4.64
C3 PEG F . 20.59 12.99 5.11
C4 PEG F . 19.81 13.34 6.38
O4 PEG F . 20.40 12.71 7.49
C1 PEG G . 12.21 3.27 -18.75
O1 PEG G . 12.53 2.19 -17.91
C2 PEG G . 13.10 3.23 -20.00
O2 PEG G . 12.61 4.09 -20.97
C3 PEG G . 13.32 5.27 -21.17
C4 PEG G . 12.35 6.31 -21.74
O4 PEG G . 13.02 7.53 -21.93
S SO4 H . 22.79 6.72 8.57
O1 SO4 H . 22.46 8.15 8.30
O2 SO4 H . 23.23 6.11 7.30
O3 SO4 H . 21.59 6.05 9.11
O4 SO4 H . 23.85 6.64 9.61
S SO4 I . -3.98 -14.43 -2.02
O1 SO4 I . -2.56 -14.04 -2.26
O2 SO4 I . -4.87 -13.29 -2.31
O3 SO4 I . -4.37 -15.55 -2.90
O4 SO4 I . -4.16 -14.88 -0.63
S SO4 J . 20.47 14.07 -3.37
O1 SO4 J . 21.17 14.49 -4.56
O2 SO4 J . 19.18 14.64 -3.36
O3 SO4 J . 20.41 12.63 -3.30
O4 SO4 J . 21.12 14.63 -2.18
CBF 7DY K . 6.61 28.87 -16.64
CBG 7DY K . 7.94 29.14 -16.35
CBH 7DY K . 8.88 28.99 -17.37
CBJ 7DY K . 10.21 29.25 -17.15
FAC 7DY K . 10.65 30.46 -17.63
FAD 7DY K . 10.90 28.28 -17.62
FAB 7DY K . 10.41 29.28 -15.78
CBI 7DY K . 8.46 28.55 -18.62
NAH 7DY K . 7.11 28.30 -18.89
CBD 7DY K . 6.20 28.44 -17.91
OAE 7DY K . 4.86 28.16 -18.10
CAP 7DY K . 4.52 27.27 -19.16
CAT 7DY K . 4.57 27.93 -20.52
CAU 7DY K . 3.22 26.53 -18.94
CAQ 7DY K . 5.58 26.13 -19.19
OAF 7DY K . 6.17 25.86 -20.24
NAG 7DY K . 5.75 25.47 -18.04
CAK 7DY K . 6.83 24.46 -17.87
CAN 7DY K . 7.55 24.72 -16.55
CAJ 7DY K . 6.28 23.01 -17.83
CAM 7DY K . 7.34 22.08 -17.89
CAR 7DY K . 7.60 21.21 -16.81
CAX 7DY K . 8.63 20.26 -16.91
CBE 7DY K . 8.91 19.34 -15.79
NAI 7DY K . 9.20 18.56 -14.91
CAZ 7DY K . 9.41 20.18 -18.05
CAY 7DY K . 9.17 21.07 -19.10
CAS 7DY K . 8.14 22.02 -19.02
CAL 7DY K . 5.27 22.81 -18.98
CAO 7DY K . 4.52 21.64 -18.83
CAV 7DY K . 4.26 20.84 -19.93
CBA 7DY K . 3.55 19.66 -19.78
CBC 7DY K . 3.02 19.32 -18.55
CLAA 7DY K . 2.05 17.91 -18.39
CBB 7DY K . 3.23 20.13 -17.45
CAW 7DY K . 3.95 21.30 -17.60
S SO4 L . 10.05 17.02 -37.91
O1 SO4 L . 11.20 17.92 -37.82
O2 SO4 L . 8.93 17.70 -38.52
O3 SO4 L . 10.40 15.85 -38.71
O4 SO4 L . 9.69 16.55 -36.57
C1 PEG M . 1.17 -1.04 -15.75
O1 PEG M . 0.13 -0.09 -15.58
C2 PEG M . 0.61 -2.45 -15.76
O2 PEG M . 1.62 -3.39 -15.45
C3 PEG M . 1.16 -4.63 -14.90
C4 PEG M . 0.43 -4.47 -13.57
O4 PEG M . 0.63 -5.58 -12.75
C1 PEG N . 24.62 27.02 -14.01
O1 PEG N . 24.99 26.80 -15.34
C2 PEG N . 24.08 25.72 -13.44
O2 PEG N . 24.50 25.59 -12.11
C3 PEG N . 23.76 24.69 -11.32
C4 PEG N . 24.73 23.97 -10.41
O4 PEG N . 24.18 22.74 -10.08
C1 PEG O . -19.87 -23.15 5.31
O1 PEG O . -20.64 -22.16 5.95
C2 PEG O . -20.77 -24.02 4.41
O2 PEG O . -20.86 -25.33 4.94
C3 PEG O . -21.93 -26.11 4.47
C4 PEG O . -22.33 -27.10 5.56
O4 PEG O . -23.67 -26.92 5.95
#